data_6AK3
#
_entry.id   6AK3
#
_cell.length_a   66.090
_cell.length_b   42.280
_cell.length_c   161.300
_cell.angle_alpha   90.00
_cell.angle_beta   96.09
_cell.angle_gamma   90.00
#
_symmetry.space_group_name_H-M   'P 1 21 1'
#
loop_
_entity.id
_entity.type
_entity.pdbx_description
1 polymer 'Prostaglandin E2 receptor EP3 subtype,Soluble cytochrome b562'
2 non-polymer '(Z)-7-[(1R,2R,3R)-3-hydroxy-2-[(E,3S)-3-hydroxyoct-1-enyl]-5-oxo-cyclopentyl]hept-5-enoic acid'
3 non-polymer '(2S)-3-(hexadecanoyloxy)-2-[(9Z)-octadec-9-enoyloxy]propyl 2-(trimethylammonio)ethyl phosphate'
#
_entity_poly.entity_id   1
_entity_poly.type   'polypeptide(L)'
_entity_poly.pdbx_seq_one_letter_code
;GPTSSGEDCGSVSVAFPITMLLTGFVGNALAMLLVSRSYRRRESKRKKSFLLCIGWLALTDLVGQLLTTPVVIVVYLSKQ
RWEHIDPSGRLCTFFGLTMTVFGLSSLFIASAMAVERALAIRAPHWYASHMKTRITRAVLLGVWLASLAFALLPVLGVGQ
YTVQWPGTWCFISTGRGGQGTSSSHNWGNLFFASAFAFLGLLALTVTFSCNLATIKALVDRCRAKATASQSSAQWGRITT
ETAIQLMGIMLVLSVCWSPLLIMMLKMIFQQTSVEHCKTHTEKQKECNFFLIAVRLASLNQILDPWVYLLLRKILLRKFC
QLELEVLFQADLEDNWETLNDNLKVIEKADNAAQVKDALTKMRAAALDAGSGSGHGFDILVGQIDDALKLANEGKVKEAQ
AAAEQLKTTINAYIQKYG
;
_entity_poly.pdbx_strand_id   B,A
#
# COMPACT_ATOMS: atom_id res chain seq x y z
N CYS A 9 -15.23 13.54 -15.15
CA CYS A 9 -15.50 12.99 -13.83
C CYS A 9 -14.58 11.83 -13.52
N GLY A 10 -13.30 11.98 -13.89
CA GLY A 10 -12.33 10.93 -13.62
C GLY A 10 -12.01 10.77 -12.14
N SER A 11 -12.02 11.87 -11.39
CA SER A 11 -11.70 11.82 -9.97
C SER A 11 -12.90 11.40 -9.11
N VAL A 12 -14.12 11.49 -9.65
CA VAL A 12 -15.32 11.13 -8.91
C VAL A 12 -15.46 9.60 -8.97
N SER A 13 -14.99 8.91 -7.94
CA SER A 13 -15.04 7.46 -7.89
C SER A 13 -14.83 7.02 -6.44
N VAL A 14 -15.65 6.07 -5.99
CA VAL A 14 -15.58 5.56 -4.62
C VAL A 14 -14.39 4.62 -4.46
N ALA A 15 -13.68 4.33 -5.56
CA ALA A 15 -12.53 3.45 -5.48
C ALA A 15 -11.40 4.05 -4.67
N PHE A 16 -11.31 5.38 -4.64
CA PHE A 16 -10.24 6.07 -3.92
C PHE A 16 -10.48 6.06 -2.41
N PRO A 17 -11.65 6.49 -1.90
CA PRO A 17 -11.83 6.45 -0.44
C PRO A 17 -11.76 5.04 0.15
N ILE A 18 -12.30 4.04 -0.55
CA ILE A 18 -12.24 2.67 -0.05
C ILE A 18 -10.80 2.19 0.01
N THR A 19 -10.03 2.44 -1.04
CA THR A 19 -8.62 2.04 -1.04
C THR A 19 -7.84 2.76 0.05
N MET A 20 -8.11 4.05 0.25
CA MET A 20 -7.35 4.82 1.25
C MET A 20 -7.70 4.40 2.67
N LEU A 21 -8.95 3.97 2.92
CA LEU A 21 -9.31 3.52 4.26
C LEU A 21 -8.64 2.20 4.61
N LEU A 22 -8.54 1.28 3.64
CA LEU A 22 -7.98 -0.03 3.94
C LEU A 22 -6.46 0.03 4.12
N THR A 23 -5.77 0.77 3.25
CA THR A 23 -4.32 0.88 3.39
C THR A 23 -3.94 1.68 4.63
N GLY A 24 -4.73 2.68 4.99
CA GLY A 24 -4.46 3.44 6.20
C GLY A 24 -4.67 2.62 7.45
N PHE A 25 -5.71 1.78 7.47
CA PHE A 25 -5.97 0.93 8.63
C PHE A 25 -4.84 -0.08 8.85
N VAL A 26 -4.46 -0.78 7.77
CA VAL A 26 -3.46 -1.85 7.90
C VAL A 26 -2.12 -1.27 8.33
N GLY A 27 -1.68 -0.19 7.68
CA GLY A 27 -0.41 0.41 8.03
C GLY A 27 -0.35 0.90 9.45
N ASN A 28 -1.40 1.60 9.90
CA ASN A 28 -1.39 2.17 11.24
C ASN A 28 -1.62 1.12 12.31
N ALA A 29 -2.31 0.02 11.98
CA ALA A 29 -2.53 -1.03 12.97
C ALA A 29 -1.25 -1.81 13.25
N LEU A 30 -0.47 -2.08 12.19
CA LEU A 30 0.80 -2.78 12.39
C LEU A 30 1.77 -1.93 13.21
N ALA A 31 1.74 -0.61 13.03
CA ALA A 31 2.59 0.28 13.81
C ALA A 31 2.21 0.23 15.29
N MET A 32 0.92 0.35 15.59
CA MET A 32 0.46 0.29 16.97
C MET A 32 0.72 -1.08 17.59
N LEU A 33 0.77 -2.13 16.76
CA LEU A 33 1.01 -3.47 17.28
C LEU A 33 2.45 -3.63 17.73
N LEU A 34 3.40 -3.04 16.99
CA LEU A 34 4.81 -3.20 17.34
C LEU A 34 5.19 -2.38 18.56
N VAL A 35 4.61 -1.18 18.71
CA VAL A 35 4.97 -0.34 19.86
C VAL A 35 4.40 -0.91 21.15
N SER A 36 3.22 -1.54 21.10
CA SER A 36 2.69 -2.19 22.29
C SER A 36 3.55 -3.37 22.72
N ARG A 37 4.18 -4.04 21.76
CA ARG A 37 5.02 -5.20 22.07
C ARG A 37 6.36 -4.78 22.64
N SER A 38 6.94 -3.68 22.14
CA SER A 38 8.31 -3.32 22.52
C SER A 38 8.35 -2.61 23.88
N TYR A 39 7.71 -1.46 23.99
CA TYR A 39 7.81 -0.66 25.20
C TYR A 39 6.55 0.17 25.41
N ARG A 40 6.15 0.29 26.67
CA ARG A 40 5.03 1.14 27.09
C ARG A 40 3.75 0.77 26.35
N LYS A 48 11.46 3.58 25.00
CA LYS A 48 11.93 4.93 24.72
C LYS A 48 10.78 5.84 24.34
N SER A 49 11.02 7.15 24.39
CA SER A 49 9.98 8.12 24.05
C SER A 49 9.69 8.17 22.56
N PHE A 50 10.66 7.79 21.73
CA PHE A 50 10.41 7.76 20.28
C PHE A 50 9.37 6.71 19.92
N LEU A 51 9.40 5.55 20.59
CA LEU A 51 8.37 4.54 20.37
C LEU A 51 7.01 5.04 20.85
N LEU A 52 6.99 5.82 21.94
CA LEU A 52 5.73 6.33 22.46
C LEU A 52 5.10 7.33 21.51
N CYS A 53 5.90 8.22 20.92
CA CYS A 53 5.36 9.24 20.04
C CYS A 53 4.87 8.64 18.72
N ILE A 54 5.55 7.60 18.22
CA ILE A 54 5.13 6.97 16.98
C ILE A 54 3.84 6.17 17.19
N GLY A 55 3.68 5.57 18.37
CA GLY A 55 2.48 4.79 18.64
C GLY A 55 1.23 5.64 18.63
N TRP A 56 1.27 6.80 19.28
CA TRP A 56 0.11 7.68 19.30
C TRP A 56 -0.05 8.48 18.01
N LEU A 57 1.01 8.60 17.20
CA LEU A 57 0.86 9.19 15.88
C LEU A 57 0.08 8.27 14.97
N ALA A 58 0.38 6.97 15.00
CA ALA A 58 -0.39 6.01 14.22
C ALA A 58 -1.84 5.94 14.70
N LEU A 59 -2.05 6.07 16.02
CA LEU A 59 -3.41 6.09 16.54
C LEU A 59 -4.15 7.34 16.12
N THR A 60 -3.45 8.47 16.01
CA THR A 60 -4.08 9.70 15.57
C THR A 60 -4.56 9.57 14.12
N ASP A 61 -3.68 9.09 13.23
CA ASP A 61 -4.03 8.97 11.82
C ASP A 61 -5.17 7.98 11.59
N LEU A 62 -5.23 6.91 12.38
CA LEU A 62 -6.26 5.90 12.18
C LEU A 62 -7.64 6.42 12.58
N VAL A 63 -7.73 7.13 13.71
CA VAL A 63 -9.00 7.68 14.15
C VAL A 63 -9.52 8.69 13.14
N GLY A 64 -8.63 9.51 12.59
CA GLY A 64 -9.04 10.47 11.57
C GLY A 64 -9.59 9.82 10.32
N GLN A 65 -9.08 8.64 9.97
CA GLN A 65 -9.58 7.94 8.79
C GLN A 65 -10.90 7.22 9.07
N LEU A 66 -11.12 6.74 10.30
CA LEU A 66 -12.36 6.06 10.61
C LEU A 66 -13.52 7.02 10.81
N LEU A 67 -13.24 8.26 11.22
CA LEU A 67 -14.29 9.25 11.43
C LEU A 67 -14.69 9.97 10.15
N THR A 68 -13.93 9.80 9.07
CA THR A 68 -14.09 10.63 7.87
C THR A 68 -14.51 9.83 6.65
N THR A 69 -13.83 8.71 6.38
CA THR A 69 -14.03 7.93 5.17
C THR A 69 -15.42 7.28 5.08
N PRO A 70 -15.96 6.70 6.15
CA PRO A 70 -17.29 6.09 6.02
C PRO A 70 -18.38 7.06 5.59
N VAL A 71 -18.25 8.34 5.92
CA VAL A 71 -19.23 9.32 5.46
C VAL A 71 -19.13 9.51 3.96
N VAL A 72 -17.91 9.55 3.42
CA VAL A 72 -17.71 9.77 1.99
C VAL A 72 -18.30 8.62 1.19
N ILE A 73 -18.15 7.39 1.69
CA ILE A 73 -18.63 6.21 0.98
C ILE A 73 -20.14 6.21 0.88
N VAL A 74 -20.82 6.63 1.96
CA VAL A 74 -22.28 6.65 1.96
C VAL A 74 -22.81 7.61 0.89
N VAL A 75 -22.19 8.78 0.78
CA VAL A 75 -22.64 9.77 -0.20
C VAL A 75 -22.49 9.24 -1.62
N TYR A 76 -21.43 8.47 -1.88
CA TYR A 76 -21.25 7.87 -3.19
C TYR A 76 -22.34 6.85 -3.50
N LEU A 77 -22.54 5.90 -2.59
CA LEU A 77 -23.48 4.80 -2.83
C LEU A 77 -24.93 5.26 -2.84
N SER A 78 -25.23 6.42 -2.25
CA SER A 78 -26.61 6.90 -2.20
C SER A 78 -26.98 7.74 -3.43
N LYS A 79 -26.00 8.37 -4.07
CA LYS A 79 -26.23 9.25 -5.22
C LYS A 79 -27.22 10.37 -4.88
N ARG A 81 -27.51 13.28 -2.90
CA ARG A 81 -27.03 14.63 -2.64
C ARG A 81 -26.70 14.80 -1.16
N TRP A 82 -25.65 15.57 -0.87
CA TRP A 82 -25.29 15.84 0.53
C TRP A 82 -26.39 16.60 1.24
N GLU A 83 -27.11 17.46 0.53
CA GLU A 83 -28.13 18.29 1.17
C GLU A 83 -29.29 17.46 1.68
N HIS A 84 -29.82 16.57 0.84
CA HIS A 84 -30.94 15.73 1.27
C HIS A 84 -30.53 14.68 2.29
N ILE A 85 -29.24 14.35 2.36
CA ILE A 85 -28.75 13.45 3.39
C ILE A 85 -28.54 14.20 4.71
N ASP A 86 -28.07 15.45 4.62
CA ASP A 86 -27.71 16.25 5.79
C ASP A 86 -28.55 17.52 5.82
N PRO A 87 -29.75 17.47 6.39
CA PRO A 87 -30.52 18.71 6.56
C PRO A 87 -29.95 19.57 7.66
N SER A 88 -29.90 20.88 7.41
CA SER A 88 -29.37 21.89 8.32
C SER A 88 -27.85 21.92 8.37
N GLY A 89 -27.16 21.01 7.70
CA GLY A 89 -25.71 21.01 7.68
C GLY A 89 -25.06 20.55 8.97
N ARG A 90 -25.73 19.67 9.72
CA ARG A 90 -25.16 19.19 10.97
C ARG A 90 -23.93 18.32 10.73
N LEU A 91 -24.00 17.42 9.75
CA LEU A 91 -22.88 16.51 9.49
C LEU A 91 -21.73 17.22 8.78
N CYS A 92 -22.03 18.23 7.96
CA CYS A 92 -20.98 18.92 7.21
C CYS A 92 -20.05 19.69 8.13
N THR A 93 -20.58 20.35 9.16
CA THR A 93 -19.74 21.08 10.09
C THR A 93 -18.83 20.13 10.86
N PHE A 94 -19.35 18.97 11.24
CA PHE A 94 -18.54 17.97 11.92
C PHE A 94 -17.47 17.38 10.98
N PHE A 95 -17.79 17.26 9.69
CA PHE A 95 -16.85 16.69 8.75
C PHE A 95 -15.67 17.63 8.53
N GLY A 96 -15.95 18.92 8.31
CA GLY A 96 -14.88 19.88 8.11
C GLY A 96 -13.98 20.04 9.32
N LEU A 97 -14.58 19.98 10.52
CA LEU A 97 -13.79 20.10 11.74
C LEU A 97 -12.84 18.91 11.90
N THR A 98 -13.34 17.70 11.68
CA THR A 98 -12.50 16.52 11.82
C THR A 98 -11.35 16.53 10.81
N MET A 99 -11.61 17.02 9.59
CA MET A 99 -10.55 17.16 8.61
C MET A 99 -9.46 18.09 9.11
N THR A 100 -9.84 19.20 9.75
CA THR A 100 -8.87 20.18 10.19
C THR A 100 -8.10 19.70 11.41
N VAL A 101 -8.78 19.02 12.34
CA VAL A 101 -8.14 18.57 13.57
C VAL A 101 -7.01 17.59 13.25
N PHE A 102 -7.34 16.50 12.56
CA PHE A 102 -6.36 15.45 12.31
C PHE A 102 -5.35 15.85 11.24
N GLY A 103 -5.68 16.80 10.37
CA GLY A 103 -4.70 17.31 9.44
C GLY A 103 -3.57 18.05 10.13
N LEU A 104 -3.93 18.96 11.03
CA LEU A 104 -2.92 19.71 11.78
C LEU A 104 -2.19 18.83 12.78
N SER A 105 -2.87 17.85 13.36
CA SER A 105 -2.25 16.98 14.37
C SER A 105 -1.06 16.24 13.78
N SER A 106 -1.25 15.58 12.64
CA SER A 106 -0.14 14.88 11.99
C SER A 106 0.98 15.86 11.61
N LEU A 107 0.61 17.08 11.20
CA LEU A 107 1.63 18.03 10.76
C LEU A 107 2.51 18.48 11.91
N PHE A 108 1.96 18.63 13.10
CA PHE A 108 2.70 19.18 14.23
C PHE A 108 3.25 18.11 15.17
N ILE A 109 2.67 16.91 15.19
CA ILE A 109 3.33 15.79 15.87
C ILE A 109 4.64 15.48 15.18
N ALA A 110 4.67 15.55 13.84
CA ALA A 110 5.92 15.36 13.11
C ALA A 110 6.90 16.49 13.38
N SER A 111 6.40 17.72 13.47
CA SER A 111 7.28 18.85 13.78
C SER A 111 7.88 18.71 15.18
N ALA A 112 7.10 18.19 16.13
CA ALA A 112 7.63 17.97 17.47
C ALA A 112 8.75 16.94 17.46
N MET A 113 8.57 15.83 16.74
CA MET A 113 9.60 14.81 16.66
C MET A 113 10.87 15.33 15.99
N ALA A 114 10.73 16.29 15.06
CA ALA A 114 11.91 16.88 14.44
C ALA A 114 12.76 17.61 15.46
N VAL A 115 12.12 18.31 16.41
CA VAL A 115 12.86 18.98 17.47
C VAL A 115 13.44 17.96 18.44
N GLU A 116 12.77 16.83 18.63
CA GLU A 116 13.29 15.78 19.50
C GLU A 116 14.60 15.22 18.95
N ARG A 117 14.64 14.90 17.66
CA ARG A 117 15.85 14.36 17.05
C ARG A 117 16.98 15.39 17.02
N ALA A 118 16.65 16.67 16.86
CA ALA A 118 17.68 17.71 16.84
C ALA A 118 18.34 17.86 18.20
N LEU A 119 17.53 17.90 19.27
CA LEU A 119 18.07 18.05 20.61
C LEU A 119 18.64 16.75 21.16
N ALA A 120 18.34 15.61 20.55
CA ALA A 120 18.89 14.34 21.03
C ALA A 120 20.35 14.18 20.61
N ILE A 121 20.65 14.42 19.33
CA ILE A 121 22.02 14.29 18.86
C ILE A 121 22.86 15.49 19.28
N ARG A 122 22.22 16.64 19.52
CA ARG A 122 22.96 17.82 19.97
C ARG A 122 23.52 17.60 21.38
N ALA A 123 22.79 16.89 22.23
CA ALA A 123 23.23 16.59 23.59
C ALA A 123 22.75 15.20 23.97
N PRO A 124 23.42 14.15 23.48
CA PRO A 124 23.05 12.79 23.89
C PRO A 124 23.27 12.50 25.36
N HIS A 125 24.17 13.24 26.01
CA HIS A 125 24.43 13.05 27.43
C HIS A 125 23.23 13.48 28.28
N TRP A 126 22.74 14.69 28.05
CA TRP A 126 21.61 15.20 28.83
C TRP A 126 20.29 14.60 28.36
N TYR A 127 20.18 14.26 27.08
CA TYR A 127 18.92 13.72 26.56
C TYR A 127 18.69 12.30 27.05
N ALA A 128 19.75 11.49 27.14
CA ALA A 128 19.61 10.10 27.56
C ALA A 128 19.38 9.94 29.05
N SER A 129 19.45 11.03 29.83
CA SER A 129 19.29 10.95 31.27
C SER A 129 18.16 11.82 31.82
N HIS A 130 17.71 12.83 31.09
CA HIS A 130 16.69 13.74 31.58
C HIS A 130 15.38 13.68 30.79
N MET A 131 15.35 12.96 29.67
CA MET A 131 14.10 12.82 28.93
C MET A 131 13.15 11.91 29.68
N LYS A 132 11.91 12.37 29.87
CA LYS A 132 10.91 11.64 30.61
C LYS A 132 9.66 11.44 29.76
N THR A 133 8.94 10.35 30.04
CA THR A 133 7.72 10.06 29.31
C THR A 133 6.60 11.04 29.61
N ARG A 134 6.66 11.72 30.75
CA ARG A 134 5.65 12.73 31.08
C ARG A 134 5.73 13.95 30.17
N ILE A 135 6.91 14.21 29.59
CA ILE A 135 7.03 15.29 28.61
C ILE A 135 6.40 14.86 27.28
N THR A 136 6.59 13.59 26.91
CA THR A 136 6.01 13.10 25.66
C THR A 136 4.49 13.17 25.69
N ARG A 137 3.88 12.82 26.83
CA ARG A 137 2.43 12.92 26.94
C ARG A 137 1.98 14.38 26.91
N ALA A 138 2.79 15.30 27.42
CA ALA A 138 2.41 16.71 27.41
C ALA A 138 2.42 17.28 26.00
N VAL A 139 3.42 16.92 25.20
CA VAL A 139 3.49 17.42 23.82
C VAL A 139 2.37 16.83 22.98
N LEU A 140 2.09 15.53 23.15
CA LEU A 140 1.01 14.90 22.40
C LEU A 140 -0.35 15.48 22.79
N LEU A 141 -0.53 15.78 24.08
CA LEU A 141 -1.80 16.36 24.53
C LEU A 141 -1.94 17.81 24.11
N GLY A 142 -0.82 18.55 24.08
CA GLY A 142 -0.89 19.95 23.68
C GLY A 142 -1.26 20.13 22.23
N VAL A 143 -0.69 19.30 21.35
CA VAL A 143 -0.99 19.40 19.92
C VAL A 143 -2.46 19.06 19.66
N TRP A 144 -2.99 18.05 20.36
CA TRP A 144 -4.39 17.67 20.16
C TRP A 144 -5.33 18.79 20.55
N LEU A 145 -5.13 19.38 21.74
CA LEU A 145 -6.04 20.41 22.21
C LEU A 145 -5.89 21.71 21.41
N ALA A 146 -4.67 22.03 20.97
CA ALA A 146 -4.47 23.24 20.18
C ALA A 146 -5.14 23.13 18.82
N SER A 147 -5.04 21.96 18.18
CA SER A 147 -5.64 21.78 16.87
C SER A 147 -7.17 21.75 16.95
N LEU A 148 -7.71 21.16 18.02
CA LEU A 148 -9.16 21.17 18.20
C LEU A 148 -9.67 22.58 18.48
N ALA A 149 -8.89 23.40 19.18
CA ALA A 149 -9.30 24.77 19.45
C ALA A 149 -9.37 25.60 18.18
N PHE A 150 -8.43 25.39 17.26
CA PHE A 150 -8.46 26.12 15.99
C PHE A 150 -9.65 25.69 15.14
N ALA A 151 -9.96 24.39 15.14
CA ALA A 151 -11.07 23.90 14.32
C ALA A 151 -12.43 24.29 14.87
N LEU A 152 -12.50 24.73 16.13
CA LEU A 152 -13.75 25.20 16.70
C LEU A 152 -14.14 26.61 16.25
N LEU A 153 -13.25 27.30 15.55
CA LEU A 153 -13.54 28.67 15.14
C LEU A 153 -14.77 28.79 14.24
N PRO A 154 -14.98 27.96 13.22
CA PRO A 154 -16.21 28.10 12.41
C PRO A 154 -17.49 27.92 13.22
N VAL A 155 -17.47 27.08 14.26
CA VAL A 155 -18.63 26.96 15.12
C VAL A 155 -18.84 28.23 15.94
N LEU A 156 -17.75 28.91 16.30
CA LEU A 156 -17.82 30.14 17.08
C LEU A 156 -18.05 31.38 16.24
N GLY A 157 -18.18 31.24 14.92
CA GLY A 157 -18.47 32.36 14.04
C GLY A 157 -17.34 32.76 13.12
N VAL A 158 -16.10 32.40 13.45
CA VAL A 158 -14.95 32.79 12.64
C VAL A 158 -14.65 31.65 11.68
N GLY A 159 -15.11 31.78 10.45
CA GLY A 159 -14.92 30.77 9.43
C GLY A 159 -16.21 30.05 9.10
N GLN A 160 -16.10 29.09 8.18
CA GLN A 160 -17.26 28.33 7.75
C GLN A 160 -16.81 27.05 7.05
N TYR A 161 -17.55 25.97 7.29
CA TYR A 161 -17.37 24.72 6.59
C TYR A 161 -18.50 24.55 5.58
N THR A 162 -18.15 24.32 4.32
CA THR A 162 -19.14 24.19 3.26
C THR A 162 -18.89 22.89 2.49
N VAL A 163 -19.88 22.51 1.69
CA VAL A 163 -19.78 21.30 0.89
C VAL A 163 -18.89 21.55 -0.31
N GLN A 164 -17.95 20.64 -0.55
CA GLN A 164 -17.01 20.76 -1.65
C GLN A 164 -17.39 19.84 -2.80
N TRP A 165 -16.92 20.20 -3.99
CA TRP A 165 -17.16 19.38 -5.17
C TRP A 165 -16.43 18.04 -5.05
N PRO A 166 -17.06 16.94 -5.46
CA PRO A 166 -18.37 16.84 -6.11
C PRO A 166 -19.51 16.49 -5.15
N GLY A 167 -19.55 17.14 -4.00
CA GLY A 167 -20.63 16.92 -3.06
C GLY A 167 -20.44 15.76 -2.11
N THR A 168 -19.22 15.25 -1.98
CA THR A 168 -18.95 14.07 -1.15
C THR A 168 -18.08 14.38 0.06
N TRP A 169 -17.69 15.64 0.27
CA TRP A 169 -16.84 15.99 1.40
C TRP A 169 -17.01 17.47 1.71
N CYS A 170 -16.74 17.82 2.97
CA CYS A 170 -16.80 19.19 3.45
C CYS A 170 -15.42 19.63 3.94
N PHE A 171 -15.11 20.91 3.72
CA PHE A 171 -13.82 21.46 4.11
C PHE A 171 -13.97 22.96 4.33
N ILE A 172 -12.84 23.62 4.63
CA ILE A 172 -12.84 25.06 4.89
C ILE A 172 -13.24 25.81 3.63
N SER A 173 -14.18 26.73 3.79
CA SER A 173 -14.62 27.56 2.66
C SER A 173 -13.56 28.60 2.32
N THR A 174 -13.31 28.78 1.03
CA THR A 174 -12.25 29.67 0.55
C THR A 174 -12.80 30.80 -0.31
N GLY A 175 -14.09 31.08 -0.22
CA GLY A 175 -14.70 32.15 -1.00
C GLY A 175 -15.67 31.66 -2.05
N GLY A 188 -15.35 36.07 8.79
CA GLY A 188 -13.97 36.01 8.33
C GLY A 188 -13.59 34.66 7.76
N ASN A 189 -14.20 34.30 6.64
CA ASN A 189 -13.91 33.01 6.01
C ASN A 189 -12.53 32.99 5.38
N LEU A 190 -12.12 34.11 4.76
CA LEU A 190 -10.82 34.17 4.12
C LEU A 190 -9.68 34.23 5.13
N PHE A 191 -9.93 34.83 6.30
CA PHE A 191 -8.90 34.84 7.34
C PHE A 191 -8.69 33.44 7.91
N PHE A 192 -9.78 32.73 8.21
CA PHE A 192 -9.67 31.39 8.77
C PHE A 192 -9.04 30.42 7.77
N ALA A 193 -9.36 30.57 6.49
CA ALA A 193 -8.73 29.74 5.47
C ALA A 193 -7.26 30.08 5.31
N SER A 194 -6.86 31.32 5.64
CA SER A 194 -5.46 31.71 5.56
C SER A 194 -4.68 31.28 6.80
N ALA A 195 -5.33 31.28 7.96
CA ALA A 195 -4.67 30.83 9.18
C ALA A 195 -4.30 29.35 9.12
N PHE A 196 -5.14 28.54 8.47
CA PHE A 196 -4.84 27.11 8.34
C PHE A 196 -3.64 26.88 7.43
N ALA A 197 -3.56 27.64 6.33
CA ALA A 197 -2.48 27.42 5.36
C ALA A 197 -1.13 27.79 5.93
N PHE A 198 -1.04 28.92 6.64
CA PHE A 198 0.24 29.32 7.22
C PHE A 198 0.66 28.41 8.36
N LEU A 199 -0.30 27.85 9.11
CA LEU A 199 0.04 26.87 10.14
C LEU A 199 0.68 25.63 9.52
N GLY A 200 0.15 25.17 8.38
CA GLY A 200 0.77 24.04 7.71
C GLY A 200 2.15 24.36 7.19
N LEU A 201 2.32 25.52 6.56
CA LEU A 201 3.64 25.95 6.10
C LEU A 201 4.61 26.10 7.27
N LEU A 202 4.09 26.49 8.44
CA LEU A 202 4.93 26.57 9.63
C LEU A 202 5.40 25.20 10.06
N ALA A 203 4.51 24.20 10.02
CA ALA A 203 4.89 22.86 10.44
C ALA A 203 5.91 22.24 9.52
N LEU A 204 5.80 22.48 8.21
CA LEU A 204 6.81 22.00 7.28
C LEU A 204 8.12 22.75 7.44
N THR A 205 8.08 24.02 7.83
CA THR A 205 9.31 24.79 8.01
C THR A 205 10.09 24.29 9.22
N VAL A 206 9.41 24.05 10.34
CA VAL A 206 10.08 23.53 11.53
C VAL A 206 10.63 22.14 11.25
N THR A 207 9.87 21.30 10.54
CA THR A 207 10.31 19.94 10.25
C THR A 207 11.51 19.92 9.33
N PHE A 208 11.51 20.76 8.29
CA PHE A 208 12.62 20.76 7.34
C PHE A 208 13.87 21.38 7.95
N SER A 209 13.69 22.40 8.78
CA SER A 209 14.84 23.08 9.38
C SER A 209 15.56 22.18 10.38
N CYS A 210 14.81 21.43 11.19
CA CYS A 210 15.44 20.59 12.20
C CYS A 210 16.09 19.36 11.56
N ASN A 211 15.47 18.81 10.52
CA ASN A 211 16.02 17.63 9.88
C ASN A 211 17.34 17.93 9.18
N LEU A 212 17.41 19.05 8.46
CA LEU A 212 18.67 19.42 7.79
C LEU A 212 19.77 19.71 8.81
N ALA A 213 19.39 20.31 9.95
CA ALA A 213 20.38 20.56 11.00
C ALA A 213 20.85 19.24 11.62
N THR A 214 19.95 18.29 11.80
CA THR A 214 20.32 17.01 12.39
C THR A 214 21.22 16.22 11.45
N ILE A 215 20.98 16.29 10.14
CA ILE A 215 21.81 15.59 9.17
C ILE A 215 23.24 16.11 9.22
N LYS A 216 23.39 17.44 9.23
CA LYS A 216 24.72 18.02 9.28
C LYS A 216 25.41 17.73 10.60
N ALA A 217 24.66 17.77 11.70
CA ALA A 217 25.24 17.46 13.01
C ALA A 217 25.67 15.99 13.10
N LEU A 218 25.03 15.11 12.32
CA LEU A 218 25.36 13.70 12.38
C LEU A 218 26.57 13.37 11.51
N VAL A 219 26.68 14.00 10.34
CA VAL A 219 27.80 13.74 9.44
C VAL A 219 29.09 14.30 10.02
N ASP A 220 29.01 15.41 10.76
CA ASP A 220 30.21 15.99 11.36
C ASP A 220 30.83 15.05 12.40
N ARG A 221 29.98 14.38 13.18
CA ARG A 221 30.50 13.39 14.12
C ARG A 221 31.10 12.19 13.39
N CYS A 222 30.54 11.81 12.25
CA CYS A 222 31.09 10.69 11.48
C CYS A 222 32.43 11.07 10.85
N ARG A 223 32.60 12.31 10.43
CA ARG A 223 33.87 12.72 9.83
C ARG A 223 34.95 12.98 10.87
N ALA A 224 34.58 13.17 12.13
CA ALA A 224 35.58 13.37 13.17
C ALA A 224 36.21 12.05 13.59
N LYS A 225 35.42 10.98 13.64
CA LYS A 225 35.96 9.68 14.06
C LYS A 225 36.76 9.00 12.96
N ALA A 226 36.44 9.27 11.70
CA ALA A 226 37.09 8.61 10.57
C ALA A 226 38.58 8.93 10.50
N ALA A 233 33.10 -0.07 9.75
CA ALA A 233 32.07 0.56 8.92
C ALA A 233 30.83 0.88 9.75
N GLN A 234 30.85 0.48 11.03
CA GLN A 234 29.66 0.58 11.87
C GLN A 234 29.25 2.04 12.08
N TRP A 235 30.21 2.90 12.42
CA TRP A 235 29.86 4.28 12.76
C TRP A 235 29.33 5.05 11.55
N GLY A 236 29.95 4.87 10.39
CA GLY A 236 29.46 5.55 9.20
C GLY A 236 28.20 4.94 8.62
N ARG A 237 27.97 3.65 8.87
CA ARG A 237 26.78 2.99 8.33
C ARG A 237 25.50 3.52 8.99
N ILE A 238 25.56 3.80 10.29
CA ILE A 238 24.38 4.28 10.99
C ILE A 238 24.01 5.69 10.53
N THR A 239 25.02 6.52 10.24
CA THR A 239 24.76 7.90 9.87
C THR A 239 24.02 7.98 8.53
N THR A 240 24.48 7.22 7.53
CA THR A 240 23.82 7.26 6.23
C THR A 240 22.41 6.69 6.30
N GLU A 241 22.21 5.64 7.11
CA GLU A 241 20.87 5.09 7.28
C GLU A 241 19.95 6.09 7.95
N THR A 242 20.46 6.84 8.93
CA THR A 242 19.66 7.87 9.59
C THR A 242 19.42 9.06 8.66
N ALA A 243 20.39 9.38 7.80
CA ALA A 243 20.22 10.49 6.88
C ALA A 243 19.13 10.19 5.85
N ILE A 244 19.05 8.94 5.39
CA ILE A 244 17.96 8.55 4.49
C ILE A 244 16.62 8.66 5.19
N GLN A 245 16.58 8.35 6.48
CA GLN A 245 15.35 8.44 7.25
C GLN A 245 14.83 9.87 7.28
N LEU A 246 15.72 10.83 7.55
CA LEU A 246 15.29 12.22 7.66
C LEU A 246 14.92 12.82 6.31
N MET A 247 15.66 12.48 5.25
CA MET A 247 15.35 13.02 3.93
C MET A 247 14.04 12.46 3.39
N GLY A 248 13.73 11.19 3.73
CA GLY A 248 12.47 10.62 3.30
C GLY A 248 11.26 11.28 3.93
N ILE A 249 11.39 11.71 5.19
CA ILE A 249 10.30 12.42 5.85
C ILE A 249 9.99 13.73 5.12
N MET A 250 11.03 14.45 4.72
CA MET A 250 10.84 15.72 4.02
C MET A 250 10.21 15.50 2.65
N LEU A 251 10.57 14.40 1.98
CA LEU A 251 10.03 14.15 0.65
C LEU A 251 8.53 13.84 0.69
N VAL A 252 8.11 13.02 1.65
CA VAL A 252 6.69 12.67 1.74
C VAL A 252 5.86 13.90 2.08
N LEU A 253 6.30 14.68 3.07
CA LEU A 253 5.55 15.85 3.51
C LEU A 253 5.44 16.88 2.39
N SER A 254 6.53 17.14 1.67
CA SER A 254 6.52 18.16 0.63
C SER A 254 5.70 17.73 -0.58
N VAL A 255 5.61 16.42 -0.84
CA VAL A 255 4.81 15.96 -1.99
C VAL A 255 3.34 15.92 -1.62
N CYS A 256 3.02 15.55 -0.39
CA CYS A 256 1.62 15.33 0.01
C CYS A 256 0.91 16.64 0.37
N TRP A 257 1.60 17.53 1.09
CA TRP A 257 0.93 18.69 1.67
C TRP A 257 1.11 19.98 0.88
N SER A 258 2.14 20.10 0.05
CA SER A 258 2.38 21.36 -0.67
C SER A 258 1.25 21.72 -1.61
N PRO A 259 0.72 20.82 -2.45
CA PRO A 259 -0.33 21.26 -3.39
C PRO A 259 -1.57 21.82 -2.72
N LEU A 260 -1.98 21.25 -1.59
CA LEU A 260 -3.20 21.72 -0.92
C LEU A 260 -2.99 23.10 -0.30
N LEU A 261 -1.89 23.28 0.43
CA LEU A 261 -1.64 24.56 1.09
C LEU A 261 -1.44 25.67 0.06
N ILE A 262 -0.72 25.38 -1.03
CA ILE A 262 -0.48 26.39 -2.05
C ILE A 262 -1.78 26.74 -2.78
N MET A 263 -2.59 25.74 -3.10
CA MET A 263 -3.82 25.98 -3.85
C MET A 263 -4.82 26.79 -3.04
N MET A 264 -4.86 26.57 -1.72
CA MET A 264 -5.73 27.38 -0.87
C MET A 264 -5.32 28.84 -0.90
N LEU A 265 -4.00 29.11 -0.87
CA LEU A 265 -3.52 30.49 -0.93
C LEU A 265 -3.90 31.13 -2.26
N LYS A 266 -3.89 30.37 -3.35
CA LYS A 266 -4.26 30.92 -4.65
C LYS A 266 -5.73 31.30 -4.72
N MET A 267 -6.59 30.55 -4.04
CA MET A 267 -8.02 30.83 -4.11
C MET A 267 -8.43 31.93 -3.14
N ILE A 268 -7.74 32.06 -2.00
CA ILE A 268 -8.03 33.14 -1.07
C ILE A 268 -7.73 34.49 -1.72
N PHE A 269 -6.59 34.59 -2.40
CA PHE A 269 -6.21 35.83 -3.07
C PHE A 269 -6.42 35.71 -4.58
N LYS A 285 -11.79 23.35 -13.75
CA LYS A 285 -10.72 22.53 -13.22
C LYS A 285 -10.41 22.89 -11.77
N GLU A 286 -10.88 24.07 -11.35
CA GLU A 286 -10.61 24.53 -9.99
C GLU A 286 -11.21 23.57 -8.96
N CYS A 287 -12.44 23.09 -9.22
CA CYS A 287 -13.03 22.10 -8.32
C CYS A 287 -12.31 20.77 -8.42
N ASN A 288 -11.80 20.42 -9.61
CA ASN A 288 -11.17 19.12 -9.81
C ASN A 288 -9.83 19.03 -9.10
N PHE A 289 -8.95 20.02 -9.31
CA PHE A 289 -7.61 19.97 -8.72
C PHE A 289 -7.64 20.03 -7.21
N PHE A 290 -8.65 20.69 -6.63
CA PHE A 290 -8.73 20.77 -5.17
C PHE A 290 -9.07 19.43 -4.55
N LEU A 291 -9.79 18.58 -5.26
CA LEU A 291 -10.06 17.23 -4.76
C LEU A 291 -8.81 16.38 -4.77
N ILE A 292 -7.99 16.49 -5.82
CA ILE A 292 -6.73 15.76 -5.87
C ILE A 292 -5.80 16.21 -4.74
N ALA A 293 -5.82 17.50 -4.42
CA ALA A 293 -4.93 18.03 -3.39
C ALA A 293 -5.29 17.50 -2.01
N VAL A 294 -6.59 17.49 -1.67
CA VAL A 294 -6.98 16.97 -0.37
C VAL A 294 -6.78 15.46 -0.28
N ARG A 295 -6.78 14.77 -1.42
CA ARG A 295 -6.46 13.35 -1.42
C ARG A 295 -4.95 13.12 -1.30
N LEU A 296 -4.14 14.04 -1.83
CA LEU A 296 -2.70 13.95 -1.64
C LEU A 296 -2.32 14.27 -0.20
N ALA A 297 -3.01 15.24 0.42
CA ALA A 297 -2.77 15.53 1.82
C ALA A 297 -3.16 14.36 2.71
N SER A 298 -4.26 13.68 2.38
CA SER A 298 -4.68 12.51 3.14
C SER A 298 -3.68 11.36 2.99
N LEU A 299 -2.96 11.31 1.87
CA LEU A 299 -1.96 10.27 1.65
C LEU A 299 -0.85 10.33 2.67
N ASN A 300 -0.55 11.52 3.20
CA ASN A 300 0.52 11.67 4.18
C ASN A 300 0.21 10.85 5.43
N GLN A 301 -1.05 10.84 5.87
CA GLN A 301 -1.43 10.03 7.02
C GLN A 301 -1.46 8.55 6.70
N ILE A 302 -1.48 8.18 5.42
CA ILE A 302 -1.37 6.78 5.04
C ILE A 302 0.08 6.32 5.07
N LEU A 303 1.00 7.18 4.63
CA LEU A 303 2.42 6.84 4.57
C LEU A 303 3.14 7.02 5.90
N ASP A 304 2.48 7.62 6.90
CA ASP A 304 3.16 7.89 8.17
C ASP A 304 3.71 6.64 8.86
N PRO A 305 2.95 5.57 9.06
CA PRO A 305 3.50 4.40 9.76
C PRO A 305 4.67 3.76 9.03
N TRP A 306 4.76 3.92 7.72
CA TRP A 306 5.84 3.30 6.96
C TRP A 306 7.13 4.12 7.03
N VAL A 307 7.01 5.45 6.91
CA VAL A 307 8.21 6.29 6.89
C VAL A 307 8.89 6.35 8.25
N TYR A 308 8.18 6.02 9.33
CA TYR A 308 8.77 6.09 10.67
C TYR A 308 9.14 4.74 11.25
N LEU A 309 8.28 3.73 11.13
CA LEU A 309 8.51 2.46 11.81
C LEU A 309 8.61 1.26 10.88
N LEU A 310 7.67 1.11 9.94
CA LEU A 310 7.51 -0.17 9.26
C LEU A 310 8.59 -0.42 8.22
N LEU A 311 9.07 0.63 7.53
CA LEU A 311 10.15 0.43 6.57
C LEU A 311 11.46 0.05 7.26
N ARG A 312 11.72 0.59 8.44
CA ARG A 312 12.91 0.20 9.18
C ARG A 312 12.84 -1.26 9.61
N LYS A 313 11.64 -1.74 9.96
CA LYS A 313 11.50 -3.13 10.41
C LYS A 313 11.73 -4.11 9.28
N ILE A 314 11.22 -3.79 8.07
CA ILE A 314 11.42 -4.67 6.93
C ILE A 314 12.89 -4.78 6.57
N LEU A 315 13.59 -3.64 6.57
CA LEU A 315 15.01 -3.60 6.24
C LEU A 315 15.90 -3.88 7.45
N LEU A 316 15.33 -4.20 8.60
CA LEU A 316 16.13 -4.40 9.80
C LEU A 316 17.01 -5.64 9.67
N ARG A 317 18.26 -5.50 10.13
CA ARG A 317 19.24 -6.59 10.11
C ARG A 317 19.43 -7.16 8.70
N ALA A 330 39.14 11.58 12.07
CA ALA A 330 40.58 11.38 11.98
C ALA A 330 41.10 10.57 13.15
N LYS A 416 37.05 -2.69 11.29
CA LYS A 416 35.60 -2.81 11.09
C LYS A 416 34.87 -1.76 11.92
N TYR A 417 35.56 -1.18 12.90
CA TYR A 417 34.93 -0.19 13.76
C TYR A 417 34.68 1.12 13.02
N GLY A 418 35.50 1.43 12.02
CA GLY A 418 35.37 2.67 11.28
C GLY A 418 34.09 2.78 10.47
N CYS B 9 -17.58 7.89 -16.55
CA CYS B 9 -16.14 7.70 -16.77
C CYS B 9 -15.38 7.76 -15.45
N GLY B 10 -15.95 7.15 -14.42
CA GLY B 10 -15.29 7.14 -13.12
C GLY B 10 -14.04 6.28 -13.09
N SER B 11 -14.03 5.20 -13.86
CA SER B 11 -12.88 4.30 -13.90
C SER B 11 -11.78 4.80 -14.83
N VAL B 12 -12.09 5.71 -15.73
CA VAL B 12 -11.11 6.24 -16.69
C VAL B 12 -10.30 7.31 -15.95
N SER B 13 -9.13 6.93 -15.45
CA SER B 13 -8.27 7.85 -14.70
C SER B 13 -6.87 7.26 -14.65
N VAL B 14 -5.86 8.11 -14.91
CA VAL B 14 -4.47 7.67 -14.86
C VAL B 14 -3.98 7.50 -13.42
N ALA B 15 -4.80 7.86 -12.43
CA ALA B 15 -4.39 7.73 -11.04
C ALA B 15 -4.23 6.27 -10.63
N PHE B 16 -4.95 5.36 -11.28
CA PHE B 16 -4.88 3.94 -10.93
C PHE B 16 -3.60 3.29 -11.45
N PRO B 17 -3.26 3.40 -12.75
CA PRO B 17 -2.01 2.77 -13.20
C PRO B 17 -0.77 3.33 -12.53
N ILE B 18 -0.74 4.64 -12.30
CA ILE B 18 0.42 5.25 -11.63
C ILE B 18 0.53 4.74 -10.20
N THR B 19 -0.59 4.70 -9.48
CA THR B 19 -0.58 4.19 -8.12
C THR B 19 -0.19 2.72 -8.09
N MET B 20 -0.70 1.93 -9.03
CA MET B 20 -0.41 0.50 -9.02
C MET B 20 1.03 0.21 -9.42
N LEU B 21 1.64 1.05 -10.26
CA LEU B 21 3.02 0.83 -10.64
C LEU B 21 3.97 1.10 -9.48
N LEU B 22 3.68 2.14 -8.68
CA LEU B 22 4.58 2.51 -7.59
C LEU B 22 4.47 1.52 -6.42
N THR B 23 3.26 1.13 -6.06
CA THR B 23 3.09 0.19 -4.96
C THR B 23 3.62 -1.20 -5.33
N GLY B 24 3.45 -1.59 -6.59
CA GLY B 24 3.99 -2.87 -7.03
C GLY B 24 5.50 -2.90 -7.04
N PHE B 25 6.12 -1.78 -7.42
CA PHE B 25 7.58 -1.71 -7.43
C PHE B 25 8.16 -1.83 -6.03
N VAL B 26 7.61 -1.06 -5.08
CA VAL B 26 8.17 -1.02 -3.73
C VAL B 26 8.03 -2.38 -3.06
N GLY B 27 6.84 -2.98 -3.14
CA GLY B 27 6.63 -4.28 -2.51
C GLY B 27 7.54 -5.36 -3.06
N ASN B 28 7.65 -5.42 -4.40
CA ASN B 28 8.45 -6.48 -5.01
C ASN B 28 9.94 -6.23 -4.88
N ALA B 29 10.36 -4.96 -4.78
CA ALA B 29 11.78 -4.67 -4.62
C ALA B 29 12.27 -5.00 -3.22
N LEU B 30 11.45 -4.72 -2.20
CA LEU B 30 11.82 -5.08 -0.83
C LEU B 30 11.87 -6.59 -0.67
N ALA B 31 10.99 -7.32 -1.36
CA ALA B 31 11.02 -8.77 -1.31
C ALA B 31 12.30 -9.32 -1.92
N MET B 32 12.66 -8.83 -3.12
CA MET B 32 13.89 -9.28 -3.75
C MET B 32 15.12 -8.88 -2.96
N LEU B 33 15.02 -7.80 -2.18
CA LEU B 33 16.15 -7.36 -1.36
C LEU B 33 16.38 -8.30 -0.19
N LEU B 34 15.30 -8.80 0.43
CA LEU B 34 15.45 -9.64 1.61
C LEU B 34 15.93 -11.05 1.24
N VAL B 35 15.45 -11.59 0.11
CA VAL B 35 15.83 -12.94 -0.27
C VAL B 35 17.29 -12.99 -0.72
N SER B 36 17.77 -11.93 -1.38
CA SER B 36 19.17 -11.87 -1.75
C SER B 36 20.06 -11.80 -0.51
N ARG B 37 19.57 -11.21 0.57
CA ARG B 37 20.35 -11.09 1.79
C ARG B 37 20.42 -12.41 2.55
N SER B 38 19.33 -13.18 2.55
CA SER B 38 19.27 -14.41 3.32
C SER B 38 19.94 -15.55 2.56
N ARG B 40 20.96 -17.47 -1.30
CA ARG B 40 20.95 -17.66 -2.75
C ARG B 40 20.61 -16.36 -3.46
N LYS B 48 17.06 -21.72 1.72
CA LYS B 48 16.04 -22.71 1.42
C LYS B 48 15.36 -22.42 0.08
N SER B 49 14.66 -23.43 -0.46
CA SER B 49 13.99 -23.26 -1.73
C SER B 49 12.76 -22.37 -1.63
N PHE B 50 12.15 -22.26 -0.44
CA PHE B 50 11.02 -21.36 -0.27
C PHE B 50 11.44 -19.91 -0.44
N LEU B 51 12.62 -19.54 0.05
CA LEU B 51 13.13 -18.20 -0.20
C LEU B 51 13.43 -17.99 -1.68
N LEU B 52 13.92 -19.03 -2.36
CA LEU B 52 14.25 -18.91 -3.77
C LEU B 52 12.99 -18.70 -4.62
N CYS B 53 11.92 -19.43 -4.31
CA CYS B 53 10.72 -19.32 -5.12
C CYS B 53 10.02 -17.98 -4.90
N ILE B 54 10.10 -17.44 -3.68
CA ILE B 54 9.49 -16.14 -3.41
C ILE B 54 10.28 -15.02 -4.09
N GLY B 55 11.61 -15.17 -4.14
CA GLY B 55 12.42 -14.15 -4.77
C GLY B 55 12.13 -13.99 -6.25
N TRP B 56 12.03 -15.11 -6.97
CA TRP B 56 11.74 -15.07 -8.39
C TRP B 56 10.27 -14.81 -8.68
N LEU B 57 9.40 -15.04 -7.71
CA LEU B 57 8.00 -14.64 -7.87
C LEU B 57 7.86 -13.12 -7.83
N ALA B 58 8.58 -12.47 -6.91
CA ALA B 58 8.57 -11.01 -6.86
C ALA B 58 9.21 -10.42 -8.11
N LEU B 59 10.26 -11.07 -8.63
CA LEU B 59 10.87 -10.59 -9.87
C LEU B 59 9.93 -10.74 -11.05
N THR B 60 9.12 -11.80 -11.06
CA THR B 60 8.15 -11.98 -12.13
C THR B 60 7.10 -10.88 -12.10
N ASP B 61 6.55 -10.60 -10.92
CA ASP B 61 5.49 -9.59 -10.81
C ASP B 61 5.99 -8.20 -11.17
N LEU B 62 7.25 -7.89 -10.87
CA LEU B 62 7.77 -6.56 -11.17
C LEU B 62 7.96 -6.36 -12.67
N VAL B 63 8.53 -7.37 -13.35
CA VAL B 63 8.74 -7.26 -14.79
C VAL B 63 7.41 -7.12 -15.52
N GLY B 64 6.40 -7.87 -15.09
CA GLY B 64 5.08 -7.74 -15.70
C GLY B 64 4.47 -6.36 -15.51
N GLN B 65 4.75 -5.72 -14.38
CA GLN B 65 4.25 -4.38 -14.14
C GLN B 65 5.06 -3.32 -14.90
N LEU B 66 6.36 -3.56 -15.08
CA LEU B 66 7.20 -2.60 -15.80
C LEU B 66 6.98 -2.68 -17.31
N LEU B 67 6.58 -3.84 -17.83
CA LEU B 67 6.34 -4.00 -19.26
C LEU B 67 4.95 -3.54 -19.69
N THR B 68 4.05 -3.29 -18.75
CA THR B 68 2.65 -3.07 -19.05
C THR B 68 2.17 -1.67 -18.71
N THR B 69 2.46 -1.18 -17.52
CA THR B 69 1.93 0.09 -17.02
C THR B 69 2.42 1.31 -17.79
N PRO B 70 3.71 1.41 -18.16
CA PRO B 70 4.15 2.61 -18.90
C PRO B 70 3.41 2.84 -20.20
N VAL B 71 2.94 1.79 -20.87
CA VAL B 71 2.16 1.97 -22.09
C VAL B 71 0.82 2.61 -21.78
N VAL B 72 0.18 2.17 -20.69
CA VAL B 72 -1.14 2.69 -20.34
C VAL B 72 -1.05 4.18 -20.00
N ILE B 73 0.03 4.59 -19.32
CA ILE B 73 0.17 5.97 -18.92
C ILE B 73 0.31 6.89 -20.13
N VAL B 74 1.05 6.44 -21.15
CA VAL B 74 1.23 7.26 -22.35
C VAL B 74 -0.10 7.47 -23.06
N VAL B 75 -0.92 6.42 -23.15
CA VAL B 75 -2.21 6.54 -23.83
C VAL B 75 -3.11 7.53 -23.09
N TYR B 76 -3.05 7.55 -21.75
CA TYR B 76 -3.83 8.50 -20.98
C TYR B 76 -3.36 9.93 -21.24
N LEU B 77 -2.05 10.17 -21.11
CA LEU B 77 -1.52 11.52 -21.22
C LEU B 77 -1.60 12.08 -22.64
N SER B 78 -1.73 11.21 -23.65
CA SER B 78 -1.80 11.65 -25.04
C SER B 78 -3.22 11.98 -25.49
N LYS B 79 -4.23 11.39 -24.85
CA LYS B 79 -5.63 11.56 -25.25
C LYS B 79 -5.84 11.16 -26.71
N ARG B 81 -5.95 8.31 -29.27
CA ARG B 81 -6.49 6.98 -29.60
C ARG B 81 -5.38 5.96 -29.72
N TRP B 82 -5.66 4.72 -29.29
CA TRP B 82 -4.68 3.65 -29.43
C TRP B 82 -4.36 3.38 -30.90
N GLU B 83 -5.33 3.58 -31.79
CA GLU B 83 -5.13 3.28 -33.20
C GLU B 83 -4.11 4.21 -33.83
N HIS B 84 -4.25 5.52 -33.60
CA HIS B 84 -3.31 6.48 -34.17
C HIS B 84 -1.95 6.41 -33.49
N ILE B 85 -1.88 5.87 -32.27
CA ILE B 85 -0.59 5.65 -31.63
C ILE B 85 0.04 4.36 -32.14
N ASP B 86 -0.78 3.33 -32.38
CA ASP B 86 -0.33 1.99 -32.77
C ASP B 86 -0.95 1.64 -34.12
N PRO B 87 -0.33 2.06 -35.23
CA PRO B 87 -0.80 1.66 -36.56
C PRO B 87 -0.51 0.20 -36.89
N GLY B 89 -1.40 -2.48 -35.28
CA GLY B 89 -1.70 -3.17 -34.03
C GLY B 89 -0.51 -3.94 -33.49
N ARG B 90 0.70 -3.46 -33.80
CA ARG B 90 1.91 -4.14 -33.37
C ARG B 90 2.05 -4.11 -31.85
N LEU B 91 1.80 -2.96 -31.23
CA LEU B 91 1.94 -2.85 -29.78
C LEU B 91 0.79 -3.53 -29.04
N CYS B 92 -0.40 -3.56 -29.65
CA CYS B 92 -1.56 -4.16 -28.98
C CYS B 92 -1.39 -5.66 -28.81
N THR B 93 -0.84 -6.34 -29.83
CA THR B 93 -0.60 -7.77 -29.71
C THR B 93 0.44 -8.08 -28.65
N PHE B 94 1.49 -7.26 -28.56
CA PHE B 94 2.49 -7.43 -27.52
C PHE B 94 1.91 -7.15 -26.13
N PHE B 95 0.98 -6.21 -26.03
CA PHE B 95 0.39 -5.88 -24.74
C PHE B 95 -0.47 -7.03 -24.22
N GLY B 96 -1.33 -7.58 -25.08
CA GLY B 96 -2.18 -8.68 -24.66
C GLY B 96 -1.40 -9.92 -24.29
N LEU B 97 -0.31 -10.19 -25.01
CA LEU B 97 0.52 -11.35 -24.69
C LEU B 97 1.18 -11.20 -23.32
N THR B 98 1.74 -10.02 -23.05
CA THR B 98 2.39 -9.79 -21.76
C THR B 98 1.39 -9.90 -20.61
N MET B 99 0.16 -9.44 -20.83
CA MET B 99 -0.88 -9.61 -19.82
C MET B 99 -1.14 -11.08 -19.54
N THR B 100 -1.16 -11.91 -20.60
CA THR B 100 -1.48 -13.32 -20.43
C THR B 100 -0.33 -14.10 -19.83
N VAL B 101 0.92 -13.77 -20.22
CA VAL B 101 2.08 -14.50 -19.71
C VAL B 101 2.21 -14.31 -18.21
N PHE B 102 2.31 -13.06 -17.77
CA PHE B 102 2.56 -12.77 -16.36
C PHE B 102 1.34 -12.98 -15.49
N GLY B 103 0.14 -12.96 -16.08
CA GLY B 103 -1.04 -13.31 -15.31
C GLY B 103 -1.06 -14.78 -14.93
N LEU B 104 -0.79 -15.66 -15.90
CA LEU B 104 -0.77 -17.09 -15.63
C LEU B 104 0.45 -17.49 -14.79
N SER B 105 1.59 -16.82 -14.97
CA SER B 105 2.78 -17.17 -14.23
C SER B 105 2.56 -17.03 -12.72
N SER B 106 2.00 -15.89 -12.29
CA SER B 106 1.70 -15.71 -10.88
C SER B 106 0.70 -16.74 -10.39
N LEU B 107 -0.26 -17.12 -11.25
CA LEU B 107 -1.29 -18.07 -10.84
C LEU B 107 -0.72 -19.45 -10.58
N PHE B 108 0.27 -19.87 -11.38
CA PHE B 108 0.79 -21.23 -11.28
C PHE B 108 2.10 -21.33 -10.49
N ILE B 109 2.85 -20.25 -10.35
CA ILE B 109 3.95 -20.24 -9.38
C ILE B 109 3.39 -20.38 -7.98
N ALA B 110 2.26 -19.71 -7.70
CA ALA B 110 1.59 -19.88 -6.42
C ALA B 110 1.03 -21.28 -6.26
N SER B 111 0.48 -21.84 -7.34
CA SER B 111 -0.03 -23.21 -7.27
C SER B 111 1.09 -24.20 -7.02
N ALA B 112 2.27 -23.94 -7.58
CA ALA B 112 3.42 -24.82 -7.33
C ALA B 112 3.83 -24.77 -5.85
N MET B 113 3.88 -23.58 -5.27
CA MET B 113 4.25 -23.45 -3.86
C MET B 113 3.23 -24.13 -2.95
N ALA B 114 1.96 -24.15 -3.34
CA ALA B 114 0.95 -24.85 -2.54
C ALA B 114 1.25 -26.34 -2.48
N VAL B 115 1.70 -26.92 -3.59
CA VAL B 115 2.07 -28.33 -3.60
C VAL B 115 3.35 -28.55 -2.80
N GLU B 116 4.25 -27.56 -2.79
CA GLU B 116 5.47 -27.67 -2.01
C GLU B 116 5.16 -27.77 -0.52
N ARG B 117 4.28 -26.90 -0.03
CA ARG B 117 3.94 -26.93 1.39
C ARG B 117 3.17 -28.19 1.76
N ALA B 118 2.38 -28.73 0.83
CA ALA B 118 1.63 -29.95 1.11
C ALA B 118 2.57 -31.14 1.27
N LEU B 119 3.54 -31.28 0.35
CA LEU B 119 4.48 -32.38 0.42
C LEU B 119 5.56 -32.18 1.48
N ALA B 120 5.72 -30.95 1.98
CA ALA B 120 6.72 -30.71 3.02
C ALA B 120 6.24 -31.20 4.38
N ILE B 121 5.01 -30.84 4.76
CA ILE B 121 4.49 -31.26 6.04
C ILE B 121 4.05 -32.73 6.00
N ARG B 122 3.70 -33.24 4.82
CA ARG B 122 3.32 -34.66 4.72
C ARG B 122 4.51 -35.56 5.00
N ALA B 123 5.70 -35.15 4.59
CA ALA B 123 6.92 -35.93 4.83
C ALA B 123 8.08 -34.97 5.07
N PRO B 124 8.17 -34.40 6.27
CA PRO B 124 9.31 -33.52 6.57
C PRO B 124 10.64 -34.25 6.58
N HIS B 125 10.63 -35.57 6.78
CA HIS B 125 11.87 -36.34 6.79
C HIS B 125 12.48 -36.40 5.39
N TRP B 126 11.68 -36.81 4.40
CA TRP B 126 12.19 -36.91 3.04
C TRP B 126 12.33 -35.56 2.35
N TYR B 127 11.49 -34.59 2.72
CA TYR B 127 11.56 -33.27 2.09
C TYR B 127 12.79 -32.50 2.54
N ALA B 128 13.15 -32.62 3.82
CA ALA B 128 14.30 -31.88 4.35
C ALA B 128 15.63 -32.47 3.92
N SER B 129 15.65 -33.61 3.24
CA SER B 129 16.88 -34.26 2.83
C SER B 129 17.01 -34.46 1.32
N HIS B 130 15.92 -34.45 0.56
CA HIS B 130 15.97 -34.70 -0.86
C HIS B 130 15.57 -33.50 -1.71
N MET B 131 15.07 -32.43 -1.10
CA MET B 131 14.73 -31.22 -1.86
C MET B 131 16.00 -30.52 -2.32
N LYS B 132 16.07 -30.20 -3.61
CA LYS B 132 17.23 -29.55 -4.20
C LYS B 132 16.80 -28.28 -4.90
N THR B 133 17.73 -27.32 -4.98
CA THR B 133 17.44 -26.06 -5.66
C THR B 133 17.28 -26.23 -7.16
N ARG B 134 17.83 -27.31 -7.73
CA ARG B 134 17.66 -27.57 -9.16
C ARG B 134 16.23 -27.92 -9.53
N ILE B 135 15.44 -28.42 -8.58
CA ILE B 135 14.02 -28.65 -8.83
C ILE B 135 13.28 -27.32 -8.84
N THR B 136 13.63 -26.40 -7.93
CA THR B 136 12.98 -25.10 -7.89
C THR B 136 13.19 -24.33 -9.19
N ARG B 137 14.40 -24.37 -9.73
CA ARG B 137 14.66 -23.71 -11.01
C ARG B 137 13.89 -24.38 -12.15
N ALA B 138 13.69 -25.70 -12.06
CA ALA B 138 12.95 -26.40 -13.11
C ALA B 138 11.47 -26.04 -13.09
N VAL B 139 10.87 -25.92 -11.90
CA VAL B 139 9.47 -25.56 -11.81
C VAL B 139 9.26 -24.11 -12.23
N LEU B 140 10.16 -23.22 -11.81
CA LEU B 140 10.06 -21.82 -12.21
C LEU B 140 10.25 -21.65 -13.71
N LEU B 141 11.17 -22.43 -14.30
CA LEU B 141 11.40 -22.33 -15.73
C LEU B 141 10.26 -22.94 -16.54
N GLY B 142 9.65 -24.02 -16.03
CA GLY B 142 8.56 -24.65 -16.74
C GLY B 142 7.32 -23.77 -16.81
N VAL B 143 6.97 -23.11 -15.71
CA VAL B 143 5.80 -22.25 -15.69
C VAL B 143 5.98 -21.06 -16.64
N TRP B 144 7.19 -20.51 -16.68
CA TRP B 144 7.45 -19.37 -17.56
C TRP B 144 7.27 -19.75 -19.02
N LEU B 145 7.89 -20.86 -19.44
CA LEU B 145 7.82 -21.27 -20.84
C LEU B 145 6.43 -21.77 -21.22
N ALA B 146 5.73 -22.42 -20.31
CA ALA B 146 4.37 -22.89 -20.61
C ALA B 146 3.42 -21.73 -20.81
N SER B 147 3.53 -20.69 -19.98
CA SER B 147 2.64 -19.54 -20.10
C SER B 147 2.94 -18.73 -21.36
N LEU B 148 4.22 -18.65 -21.75
CA LEU B 148 4.57 -17.97 -22.98
C LEU B 148 4.05 -18.72 -24.19
N ALA B 149 4.04 -20.05 -24.13
CA ALA B 149 3.55 -20.85 -25.25
C ALA B 149 2.06 -20.66 -25.46
N PHE B 150 1.29 -20.55 -24.38
CA PHE B 150 -0.15 -20.33 -24.52
C PHE B 150 -0.44 -18.95 -25.08
N ALA B 151 0.31 -17.93 -24.65
CA ALA B 151 0.08 -16.57 -25.12
C ALA B 151 0.53 -16.36 -26.57
N LEU B 152 1.32 -17.28 -27.12
CA LEU B 152 1.71 -17.19 -28.53
C LEU B 152 0.61 -17.63 -29.48
N LEU B 153 -0.48 -18.20 -28.97
CA LEU B 153 -1.55 -18.69 -29.84
C LEU B 153 -2.19 -17.60 -30.70
N PRO B 154 -2.53 -16.41 -30.19
CA PRO B 154 -3.11 -15.39 -31.09
C PRO B 154 -2.19 -14.97 -32.22
N VAL B 155 -0.88 -15.02 -32.01
CA VAL B 155 0.05 -14.75 -33.11
C VAL B 155 0.01 -15.87 -34.13
N LEU B 156 -0.24 -17.10 -33.67
CA LEU B 156 -0.29 -18.27 -34.54
C LEU B 156 -1.66 -18.47 -35.19
N GLY B 157 -2.64 -17.60 -34.91
CA GLY B 157 -3.94 -17.66 -35.53
C GLY B 157 -5.07 -18.07 -34.60
N VAL B 158 -4.75 -18.71 -33.48
CA VAL B 158 -5.77 -19.19 -32.55
C VAL B 158 -5.96 -18.13 -31.47
N GLY B 159 -7.00 -17.32 -31.62
CA GLY B 159 -7.29 -16.24 -30.69
C GLY B 159 -7.01 -14.88 -31.30
N GLN B 160 -7.23 -13.85 -30.49
CA GLN B 160 -7.03 -12.49 -30.96
C GLN B 160 -6.92 -11.54 -29.77
N TYR B 161 -6.02 -10.57 -29.88
CA TYR B 161 -5.89 -9.48 -28.92
C TYR B 161 -6.49 -8.22 -29.54
N THR B 162 -7.42 -7.59 -28.84
CA THR B 162 -8.09 -6.40 -29.32
C THR B 162 -8.00 -5.29 -28.28
N VAL B 163 -8.33 -4.08 -28.71
CA VAL B 163 -8.31 -2.92 -27.81
C VAL B 163 -9.55 -2.97 -26.93
N GLN B 164 -9.35 -2.77 -25.63
CA GLN B 164 -10.42 -2.82 -24.65
C GLN B 164 -10.82 -1.41 -24.22
N TRP B 165 -12.05 -1.29 -23.73
CA TRP B 165 -12.54 -0.02 -23.22
C TRP B 165 -11.76 0.36 -21.96
N PRO B 166 -11.41 1.65 -21.80
CA PRO B 166 -11.74 2.77 -22.68
C PRO B 166 -10.63 3.13 -23.67
N GLY B 167 -10.03 2.13 -24.30
CA GLY B 167 -9.01 2.38 -25.29
C GLY B 167 -7.61 2.52 -24.75
N THR B 168 -7.37 2.11 -23.50
CA THR B 168 -6.08 2.27 -22.86
C THR B 168 -5.35 0.96 -22.60
N TRP B 169 -5.94 -0.18 -22.99
CA TRP B 169 -5.31 -1.47 -22.74
C TRP B 169 -5.86 -2.48 -23.74
N CYS B 170 -5.06 -3.52 -23.99
CA CYS B 170 -5.43 -4.61 -24.89
C CYS B 170 -5.47 -5.92 -24.11
N PHE B 171 -6.40 -6.79 -24.49
CA PHE B 171 -6.55 -8.08 -23.82
C PHE B 171 -7.23 -9.05 -24.78
N ILE B 172 -7.49 -10.26 -24.28
CA ILE B 172 -8.10 -11.30 -25.10
C ILE B 172 -9.52 -10.88 -25.49
N SER B 173 -9.83 -11.00 -26.77
CA SER B 173 -11.17 -10.67 -27.25
C SER B 173 -12.14 -11.76 -26.86
N THR B 174 -13.33 -11.35 -26.38
CA THR B 174 -14.32 -12.28 -25.87
C THR B 174 -15.65 -12.18 -26.62
N GLY B 175 -15.64 -11.59 -27.81
CA GLY B 175 -16.84 -11.47 -28.61
C GLY B 175 -17.32 -10.04 -28.75
N GLY B 188 -10.67 -19.17 -33.79
CA GLY B 188 -11.16 -19.67 -32.52
C GLY B 188 -10.95 -18.69 -31.38
N ASN B 189 -11.62 -17.54 -31.45
CA ASN B 189 -11.47 -16.53 -30.41
C ASN B 189 -12.15 -16.97 -29.12
N LEU B 190 -13.33 -17.61 -29.23
CA LEU B 190 -14.04 -18.05 -28.04
C LEU B 190 -13.36 -19.25 -27.37
N PHE B 191 -12.70 -20.10 -28.15
CA PHE B 191 -11.96 -21.21 -27.57
C PHE B 191 -10.75 -20.71 -26.78
N PHE B 192 -9.98 -19.80 -27.36
CA PHE B 192 -8.79 -19.29 -26.69
C PHE B 192 -9.16 -18.49 -25.44
N ALA B 193 -10.26 -17.74 -25.50
CA ALA B 193 -10.72 -17.02 -24.32
C ALA B 193 -11.24 -17.96 -23.24
N SER B 194 -11.73 -19.14 -23.63
CA SER B 194 -12.20 -20.12 -22.65
C SER B 194 -11.05 -20.93 -22.07
N ALA B 195 -10.01 -21.19 -22.86
CA ALA B 195 -8.85 -21.92 -22.34
C ALA B 195 -8.13 -21.12 -21.27
N PHE B 196 -8.11 -19.79 -21.39
CA PHE B 196 -7.48 -18.97 -20.37
C PHE B 196 -8.26 -18.99 -19.07
N ALA B 197 -9.59 -18.95 -19.16
CA ALA B 197 -10.43 -18.89 -17.96
C ALA B 197 -10.34 -20.18 -17.16
N PHE B 198 -10.39 -21.33 -17.85
CA PHE B 198 -10.33 -22.61 -17.15
C PHE B 198 -8.95 -22.87 -16.56
N LEU B 199 -7.90 -22.37 -17.21
CA LEU B 199 -6.56 -22.48 -16.63
C LEU B 199 -6.46 -21.72 -15.32
N GLY B 200 -7.07 -20.55 -15.24
CA GLY B 200 -7.09 -19.81 -13.99
C GLY B 200 -7.87 -20.53 -12.90
N LEU B 201 -9.05 -21.05 -13.25
CA LEU B 201 -9.83 -21.82 -12.29
C LEU B 201 -9.08 -23.06 -11.84
N LEU B 202 -8.26 -23.64 -12.72
CA LEU B 202 -7.44 -24.78 -12.32
C LEU B 202 -6.37 -24.37 -11.32
N ALA B 203 -5.74 -23.22 -11.54
CA ALA B 203 -4.68 -22.77 -10.64
C ALA B 203 -5.23 -22.45 -9.25
N LEU B 204 -6.42 -21.85 -9.19
CA LEU B 204 -7.05 -21.61 -7.89
C LEU B 204 -7.50 -22.90 -7.23
N THR B 205 -7.90 -23.89 -8.03
CA THR B 205 -8.35 -25.15 -7.46
C THR B 205 -7.20 -25.92 -6.83
N VAL B 206 -6.06 -25.98 -7.53
CA VAL B 206 -4.88 -26.66 -6.98
C VAL B 206 -4.40 -25.93 -5.73
N THR B 207 -4.40 -24.60 -5.76
CA THR B 207 -3.92 -23.83 -4.61
C THR B 207 -4.83 -23.99 -3.40
N PHE B 208 -6.14 -23.96 -3.61
CA PHE B 208 -7.07 -24.06 -2.50
C PHE B 208 -7.11 -25.48 -1.93
N SER B 209 -6.97 -26.49 -2.79
CA SER B 209 -7.02 -27.87 -2.32
C SER B 209 -5.81 -28.23 -1.47
N CYS B 210 -4.62 -27.77 -1.86
CA CYS B 210 -3.42 -28.12 -1.11
C CYS B 210 -3.35 -27.35 0.21
N ASN B 211 -3.82 -26.10 0.22
CA ASN B 211 -3.76 -25.32 1.45
C ASN B 211 -4.71 -25.88 2.51
N LEU B 212 -5.93 -26.26 2.09
CA LEU B 212 -6.88 -26.85 3.04
C LEU B 212 -6.37 -28.18 3.56
N ALA B 213 -5.71 -28.97 2.71
CA ALA B 213 -5.11 -30.22 3.17
C ALA B 213 -3.96 -29.97 4.13
N THR B 214 -3.15 -28.93 3.86
CA THR B 214 -2.03 -28.62 4.73
C THR B 214 -2.50 -28.12 6.09
N ILE B 215 -3.59 -27.34 6.11
CA ILE B 215 -4.13 -26.83 7.37
C ILE B 215 -4.59 -27.98 8.24
N LYS B 216 -5.32 -28.94 7.66
CA LYS B 216 -5.80 -30.08 8.42
C LYS B 216 -4.65 -30.96 8.88
N ALA B 217 -3.65 -31.17 8.02
CA ALA B 217 -2.49 -31.97 8.40
C ALA B 217 -1.67 -31.29 9.50
N LEU B 218 -1.73 -29.96 9.58
CA LEU B 218 -0.95 -29.25 10.58
C LEU B 218 -1.65 -29.21 11.94
N VAL B 219 -2.98 -29.04 11.94
CA VAL B 219 -3.70 -29.02 13.20
C VAL B 219 -3.75 -30.40 13.84
N ASP B 220 -3.83 -31.45 13.01
CA ASP B 220 -3.85 -32.81 13.55
C ASP B 220 -2.53 -33.17 14.22
N ARG B 221 -1.41 -32.74 13.64
CA ARG B 221 -0.11 -32.96 14.28
C ARG B 221 0.01 -32.16 15.58
N CYS B 222 -0.58 -30.97 15.63
CA CYS B 222 -0.55 -30.18 16.86
C CYS B 222 -1.40 -30.81 17.96
N ARG B 223 -2.51 -31.45 17.59
CA ARG B 223 -3.36 -32.10 18.59
C ARG B 223 -2.80 -33.43 19.07
N ALA B 224 -1.88 -34.04 18.32
CA ALA B 224 -1.28 -35.30 18.74
C ALA B 224 -0.24 -35.09 19.84
N LYS B 225 0.52 -33.99 19.77
CA LYS B 225 1.55 -33.75 20.77
C LYS B 225 0.97 -33.24 22.08
N ALA B 226 -0.16 -32.55 22.03
CA ALA B 226 -0.76 -31.93 23.20
C ALA B 226 -1.17 -32.97 24.25
N ALA B 233 3.81 -23.40 24.72
CA ALA B 233 2.94 -22.77 23.73
C ALA B 233 3.61 -22.71 22.36
N GLN B 234 4.86 -23.16 22.31
CA GLN B 234 5.66 -23.00 21.08
C GLN B 234 5.07 -23.80 19.93
N TRP B 235 4.72 -25.07 20.17
CA TRP B 235 4.26 -25.93 19.09
C TRP B 235 2.92 -25.45 18.54
N GLY B 236 2.01 -25.03 19.41
CA GLY B 236 0.74 -24.51 18.94
C GLY B 236 0.85 -23.13 18.32
N ARG B 237 1.89 -22.37 18.69
CA ARG B 237 2.08 -21.04 18.11
C ARG B 237 2.43 -21.12 16.63
N ILE B 238 3.24 -22.11 16.25
CA ILE B 238 3.65 -22.24 14.85
C ILE B 238 2.47 -22.64 13.98
N THR B 239 1.60 -23.51 14.49
CA THR B 239 0.50 -24.02 13.68
C THR B 239 -0.51 -22.93 13.35
N THR B 240 -0.89 -22.12 14.35
CA THR B 240 -1.87 -21.06 14.09
C THR B 240 -1.31 -19.98 13.18
N GLU B 241 -0.02 -19.65 13.33
CA GLU B 241 0.60 -18.66 12.46
C GLU B 241 0.65 -19.15 11.02
N THR B 242 0.95 -20.44 10.82
CA THR B 242 0.98 -20.98 9.47
C THR B 242 -0.43 -21.10 8.89
N ALA B 243 -1.42 -21.38 9.74
CA ALA B 243 -2.80 -21.49 9.26
C ALA B 243 -3.31 -20.13 8.77
N ILE B 244 -2.96 -19.05 9.47
CA ILE B 244 -3.34 -17.71 9.01
C ILE B 244 -2.65 -17.41 7.68
N GLN B 245 -1.41 -17.87 7.52
CA GLN B 245 -0.68 -17.65 6.28
C GLN B 245 -1.38 -18.32 5.10
N LEU B 246 -1.81 -19.58 5.29
CA LEU B 246 -2.42 -20.32 4.19
C LEU B 246 -3.81 -19.78 3.86
N MET B 247 -4.59 -19.39 4.87
CA MET B 247 -5.90 -18.83 4.62
C MET B 247 -5.82 -17.45 3.97
N GLY B 248 -4.80 -16.67 4.29
CA GLY B 248 -4.64 -15.37 3.66
C GLY B 248 -4.34 -15.47 2.17
N ILE B 249 -3.59 -16.49 1.76
CA ILE B 249 -3.33 -16.71 0.34
C ILE B 249 -4.63 -16.99 -0.40
N MET B 250 -5.50 -17.81 0.18
CA MET B 250 -6.75 -18.15 -0.48
C MET B 250 -7.67 -16.93 -0.58
N LEU B 251 -7.64 -16.05 0.42
CA LEU B 251 -8.53 -14.88 0.40
C LEU B 251 -8.12 -13.90 -0.69
N VAL B 252 -6.82 -13.65 -0.83
CA VAL B 252 -6.36 -12.70 -1.84
C VAL B 252 -6.66 -13.22 -3.24
N LEU B 253 -6.34 -14.49 -3.50
CA LEU B 253 -6.55 -15.05 -4.84
C LEU B 253 -8.02 -15.05 -5.22
N SER B 254 -8.90 -15.42 -4.29
CA SER B 254 -10.32 -15.49 -4.62
C SER B 254 -10.94 -14.11 -4.79
N VAL B 255 -10.39 -13.10 -4.11
CA VAL B 255 -10.94 -11.75 -4.25
C VAL B 255 -10.40 -11.08 -5.52
N CYS B 256 -9.15 -11.34 -5.86
CA CYS B 256 -8.51 -10.64 -6.98
C CYS B 256 -8.86 -11.27 -8.32
N TRP B 257 -8.90 -12.60 -8.40
CA TRP B 257 -9.00 -13.27 -9.68
C TRP B 257 -10.40 -13.76 -10.05
N SER B 258 -11.28 -13.97 -9.07
CA SER B 258 -12.61 -14.52 -9.38
C SER B 258 -13.44 -13.63 -10.29
N PRO B 259 -13.55 -12.31 -10.07
CA PRO B 259 -14.42 -11.51 -10.96
C PRO B 259 -14.00 -11.54 -12.42
N LEU B 260 -12.69 -11.54 -12.70
CA LEU B 260 -12.24 -11.51 -14.09
C LEU B 260 -12.51 -12.84 -14.79
N LEU B 261 -12.16 -13.96 -14.16
CA LEU B 261 -12.38 -15.26 -14.79
C LEU B 261 -13.85 -15.54 -15.00
N ILE B 262 -14.69 -15.20 -14.02
CA ILE B 262 -16.12 -15.45 -14.14
C ILE B 262 -16.73 -14.54 -15.21
N MET B 263 -16.31 -13.28 -15.25
CA MET B 263 -16.90 -12.34 -16.21
C MET B 263 -16.56 -12.70 -17.64
N MET B 264 -15.36 -13.24 -17.88
CA MET B 264 -15.02 -13.73 -19.22
C MET B 264 -15.92 -14.89 -19.63
N LEU B 265 -16.18 -15.80 -18.69
CA LEU B 265 -17.06 -16.94 -18.98
C LEU B 265 -18.48 -16.47 -19.30
N LYS B 266 -18.95 -15.43 -18.63
CA LYS B 266 -20.29 -14.92 -18.91
C LYS B 266 -20.40 -14.31 -20.29
N MET B 267 -19.32 -13.69 -20.78
CA MET B 267 -19.37 -13.04 -22.08
C MET B 267 -19.13 -14.02 -23.23
N ILE B 268 -18.36 -15.08 -23.00
CA ILE B 268 -18.14 -16.10 -24.02
C ILE B 268 -19.45 -16.80 -24.34
N PHE B 269 -20.23 -17.17 -23.32
CA PHE B 269 -21.49 -17.84 -23.51
C PHE B 269 -22.66 -16.89 -23.28
N LYS B 285 -22.51 -1.13 -19.16
CA LYS B 285 -21.81 -1.50 -17.93
C LYS B 285 -20.86 -2.67 -18.16
N GLU B 286 -21.05 -3.37 -19.28
CA GLU B 286 -20.20 -4.51 -19.59
C GLU B 286 -18.75 -4.09 -19.78
N CYS B 287 -18.53 -2.95 -20.46
CA CYS B 287 -17.17 -2.43 -20.61
C CYS B 287 -16.62 -1.92 -19.27
N ASN B 288 -17.49 -1.38 -18.41
CA ASN B 288 -17.01 -0.79 -17.17
C ASN B 288 -16.55 -1.85 -16.19
N PHE B 289 -17.36 -2.87 -15.94
CA PHE B 289 -17.01 -3.90 -14.96
C PHE B 289 -15.79 -4.70 -15.40
N PHE B 290 -15.57 -4.85 -16.69
CA PHE B 290 -14.42 -5.62 -17.16
C PHE B 290 -13.10 -4.90 -16.86
N LEU B 291 -13.13 -3.55 -16.83
CA LEU B 291 -11.94 -2.81 -16.44
C LEU B 291 -11.66 -2.97 -14.95
N ILE B 292 -12.70 -2.96 -14.12
CA ILE B 292 -12.52 -3.19 -12.69
C ILE B 292 -11.95 -4.57 -12.45
N ALA B 293 -12.39 -5.56 -13.24
CA ALA B 293 -11.94 -6.93 -13.04
C ALA B 293 -10.46 -7.09 -13.36
N VAL B 294 -9.99 -6.52 -14.48
CA VAL B 294 -8.58 -6.64 -14.82
C VAL B 294 -7.71 -5.85 -13.85
N ARG B 295 -8.26 -4.81 -13.20
CA ARG B 295 -7.51 -4.11 -12.17
C ARG B 295 -7.48 -4.90 -10.86
N LEU B 296 -8.53 -5.67 -10.57
CA LEU B 296 -8.51 -6.53 -9.40
C LEU B 296 -7.55 -7.70 -9.60
N ALA B 297 -7.48 -8.24 -10.83
CA ALA B 297 -6.52 -9.30 -11.10
C ALA B 297 -5.09 -8.79 -10.97
N SER B 298 -4.84 -7.55 -11.43
CA SER B 298 -3.51 -6.96 -11.27
C SER B 298 -3.17 -6.71 -9.82
N LEU B 299 -4.19 -6.50 -8.97
CA LEU B 299 -3.93 -6.25 -7.56
C LEU B 299 -3.27 -7.45 -6.89
N ASN B 300 -3.52 -8.65 -7.40
CA ASN B 300 -2.92 -9.85 -6.83
C ASN B 300 -1.41 -9.80 -6.92
N GLN B 301 -0.87 -9.32 -8.03
CA GLN B 301 0.59 -9.21 -8.17
C GLN B 301 1.15 -8.08 -7.32
N ILE B 302 0.30 -7.15 -6.86
CA ILE B 302 0.76 -6.13 -5.94
C ILE B 302 0.81 -6.67 -4.51
N LEU B 303 -0.17 -7.49 -4.14
CA LEU B 303 -0.24 -8.05 -2.79
C LEU B 303 0.66 -9.27 -2.60
N ASP B 304 1.25 -9.80 -3.68
CA ASP B 304 2.03 -11.03 -3.57
C ASP B 304 3.23 -10.90 -2.63
N PRO B 305 4.09 -9.89 -2.72
CA PRO B 305 5.26 -9.85 -1.82
C PRO B 305 4.87 -9.69 -0.36
N TRP B 306 3.70 -9.14 -0.07
CA TRP B 306 3.29 -8.95 1.32
C TRP B 306 2.71 -10.24 1.92
N VAL B 307 1.88 -10.95 1.15
CA VAL B 307 1.24 -12.15 1.68
C VAL B 307 2.22 -13.30 1.87
N TYR B 308 3.38 -13.25 1.23
CA TYR B 308 4.36 -14.34 1.34
C TYR B 308 5.55 -14.00 2.23
N LEU B 309 6.12 -12.80 2.09
CA LEU B 309 7.36 -12.48 2.78
C LEU B 309 7.27 -11.29 3.72
N LEU B 310 6.70 -10.17 3.27
CA LEU B 310 6.89 -8.91 3.98
C LEU B 310 6.05 -8.80 5.25
N LEU B 311 4.84 -9.35 5.26
CA LEU B 311 4.03 -9.30 6.49
C LEU B 311 4.64 -10.14 7.60
N ARG B 312 5.25 -11.27 7.26
CA ARG B 312 5.93 -12.07 8.27
C ARG B 312 7.12 -11.31 8.86
N LYS B 313 7.81 -10.52 8.04
CA LYS B 313 8.97 -9.77 8.52
C LYS B 313 8.56 -8.67 9.49
N ILE B 314 7.46 -7.98 9.18
CA ILE B 314 6.99 -6.91 10.05
C ILE B 314 6.57 -7.46 11.41
N LEU B 315 5.85 -8.57 11.41
CA LEU B 315 5.39 -9.22 12.63
C LEU B 315 6.41 -10.16 13.24
N LEU B 316 7.61 -10.23 12.67
CA LEU B 316 8.61 -11.20 13.12
C LEU B 316 9.08 -10.88 14.53
N ARG B 317 9.25 -11.93 15.33
CA ARG B 317 9.73 -11.84 16.70
C ARG B 317 8.88 -10.90 17.55
N ALA B 330 -1.41 -35.74 22.86
CA ALA B 330 -1.49 -36.43 24.15
C ALA B 330 -0.12 -36.83 24.64
N ASP B 331 0.92 -36.43 23.90
CA ASP B 331 2.28 -36.81 24.26
C ASP B 331 2.73 -36.14 25.54
N LEU B 332 2.36 -34.88 25.73
CA LEU B 332 2.77 -34.13 26.93
C LEU B 332 2.15 -34.72 28.19
N LYS B 416 6.44 -25.17 28.93
CA LYS B 416 6.44 -24.09 27.94
C LYS B 416 6.59 -24.63 26.53
N TYR B 417 7.04 -25.88 26.43
CA TYR B 417 7.27 -26.48 25.11
C TYR B 417 5.96 -26.78 24.39
N GLY B 418 4.88 -27.04 25.13
CA GLY B 418 3.60 -27.35 24.54
C GLY B 418 2.99 -26.21 23.76
#